data_7ZFX
#
_entry.id   7ZFX
#
_cell.length_a   65.723
_cell.length_b   65.723
_cell.length_c   263.897
_cell.angle_alpha   90.000
_cell.angle_beta   90.000
_cell.angle_gamma   120.000
#
_symmetry.space_group_name_H-M   'P 65 2 2'
#
loop_
_entity.id
_entity.type
_entity.pdbx_description
1 polymer 'Vitamin D3 receptor A'
2 polymer 'Nuclear receptor coactivator 1'
3 non-polymer 'ACETATE ION'
4 non-polymer (1R,3S,5Z)-5-[(E)-3-[3,5-bis(6-methyl-6-oxidanyl-heptyl)phenyl]prop-2-enylidene]-4-methylidene-cyclohexane-1,3-diol
5 water water
#
loop_
_entity_poly.entity_id
_entity_poly.type
_entity_poly.pdbx_seq_one_letter_code
_entity_poly.pdbx_strand_id
1 'polypeptide(L)'
;GSHMLSDEQMQIINSLVEAHHKTYDDSYSDFVRFRPPVREGPVTRSASRAASLHSLSDASSDSFNHSPESVDTKLNFSNL
LMMYQDSGSPDSSEEDQQSRLSMLPHLADLVSYSIQKVIGFAKMIPGFRDLTAEDQIALLKSSAIEIIMLRSNQSFSLED
MSWSCGGPDFKYCINDVTKAGHTLELLEPLVKFQVGLKKLKLHEEEHVLLMAICLLSPDRPGVQDHVRIEALQDRLCDVL
QAYIRIQHPGGRLLYAKMIQKLADLRSLNEEHSKQYRSLSFQPEHSMQLTPLVLEVFGSEVS
;
A
2 'polypeptide(L)' RHKILHRLLQEGSPS B
#
loop_
_chem_comp.id
_chem_comp.type
_chem_comp.name
_chem_comp.formula
ACT non-polymer 'ACETATE ION' 'C2 H3 O2 -1'
IV1 non-polymer (1R,3S,5Z)-5-[(E)-3-[3,5-bis(6-methyl-6-oxidanyl-heptyl)phenyl]prop-2-enylidene]-4-methylidene-cyclohexane-1,3-diol 'C32 H50 O4'
#
# COMPACT_ATOMS: atom_id res chain seq x y z
N HIS A 3 -27.59 13.78 8.93
CA HIS A 3 -26.37 14.08 9.66
C HIS A 3 -25.38 14.82 8.76
N MET A 4 -24.22 15.19 9.32
CA MET A 4 -23.28 16.05 8.63
C MET A 4 -21.90 15.91 9.25
N LEU A 5 -20.87 15.92 8.40
CA LEU A 5 -19.49 15.85 8.83
C LEU A 5 -19.06 17.14 9.54
N SER A 6 -18.10 17.01 10.44
CA SER A 6 -17.59 18.15 11.20
C SER A 6 -16.34 18.71 10.54
N ASP A 7 -15.81 19.79 11.12
CA ASP A 7 -14.61 20.41 10.57
C ASP A 7 -13.36 19.59 10.86
N GLU A 8 -13.30 18.93 12.03
CA GLU A 8 -12.13 18.09 12.32
C GLU A 8 -12.07 16.90 11.38
N GLN A 9 -13.23 16.29 11.09
CA GLN A 9 -13.25 15.14 10.19
C GLN A 9 -12.97 15.55 8.75
N MET A 10 -13.46 16.73 8.34
CA MET A 10 -13.19 17.17 6.98
C MET A 10 -11.76 17.67 6.84
N GLN A 11 -11.14 18.13 7.92
CA GLN A 11 -9.76 18.56 7.86
C GLN A 11 -8.82 17.36 7.82
N ILE A 12 -9.22 16.25 8.44
CA ILE A 12 -8.47 15.00 8.30
C ILE A 12 -8.53 14.52 6.86
N ILE A 13 -9.71 14.62 6.25
CA ILE A 13 -9.85 14.25 4.84
C ILE A 13 -8.98 15.12 3.95
N ASN A 14 -8.99 16.44 4.18
CA ASN A 14 -8.24 17.36 3.34
C ASN A 14 -6.76 17.03 3.33
N SER A 15 -6.16 16.87 4.52
CA SER A 15 -4.73 16.57 4.57
C SER A 15 -4.44 15.17 4.04
N LEU A 16 -5.40 14.26 4.16
CA LEU A 16 -5.19 12.91 3.65
C LEU A 16 -5.24 12.87 2.12
N VAL A 17 -6.19 13.58 1.53
CA VAL A 17 -6.26 13.66 0.06
C VAL A 17 -5.05 14.42 -0.48
N GLU A 18 -4.60 15.44 0.25
CA GLU A 18 -3.41 16.19 -0.17
C GLU A 18 -2.17 15.31 -0.14
N ALA A 19 -2.01 14.51 0.91
CA ALA A 19 -0.86 13.62 1.01
C ALA A 19 -0.80 12.64 -0.14
N HIS A 20 -1.95 12.11 -0.56
CA HIS A 20 -1.96 11.16 -1.67
C HIS A 20 -1.61 11.84 -2.99
N HIS A 21 -2.02 13.09 -3.17
CA HIS A 21 -1.69 13.78 -4.41
C HIS A 21 -0.20 14.11 -4.49
N LYS A 22 0.45 14.33 -3.35
CA LYS A 22 1.89 14.57 -3.36
C LYS A 22 2.68 13.29 -3.62
N THR A 23 2.17 12.16 -3.14
CA THR A 23 2.91 10.91 -3.15
C THR A 23 2.47 9.95 -4.25
N TYR A 24 1.61 10.38 -5.15
CA TYR A 24 1.18 9.55 -6.29
C TYR A 24 1.24 10.40 -7.54
N ASP A 25 1.98 9.93 -8.54
CA ASP A 25 2.18 10.65 -9.79
C ASP A 25 1.42 9.90 -10.88
N ASP A 26 0.30 10.46 -11.31
CA ASP A 26 -0.51 9.83 -12.35
C ASP A 26 0.19 9.83 -13.70
N SER A 27 1.25 10.63 -13.87
CA SER A 27 2.00 10.62 -15.13
C SER A 27 2.91 9.41 -15.25
N TYR A 28 3.29 8.79 -14.12
CA TYR A 28 4.17 7.63 -14.12
C TYR A 28 5.46 7.91 -14.90
N SER A 29 5.89 9.17 -14.92
CA SER A 29 7.08 9.53 -15.70
C SER A 29 8.36 9.07 -15.03
N ASP A 30 8.35 8.84 -13.72
CA ASP A 30 9.54 8.35 -13.04
C ASP A 30 9.86 6.90 -13.38
N PHE A 31 8.93 6.16 -14.00
CA PHE A 31 9.17 4.76 -14.31
C PHE A 31 10.26 4.58 -15.36
N VAL A 32 10.59 5.64 -16.11
CA VAL A 32 11.65 5.57 -17.10
C VAL A 32 13.02 5.47 -16.45
N ARG A 33 13.13 5.82 -15.16
CA ARG A 33 14.38 5.72 -14.43
C ARG A 33 14.60 4.37 -13.78
N PHE A 34 13.61 3.49 -13.80
CA PHE A 34 13.80 2.14 -13.27
C PHE A 34 14.63 1.32 -14.24
N ARG A 35 15.14 0.19 -13.75
CA ARG A 35 15.71 -0.80 -14.65
C ARG A 35 14.61 -1.28 -15.58
N PRO A 36 14.84 -1.32 -16.89
CA PRO A 36 13.76 -1.62 -17.83
C PRO A 36 13.15 -2.99 -17.57
N PRO A 37 11.91 -3.21 -18.03
CA PRO A 37 11.34 -4.55 -17.95
C PRO A 37 11.75 -5.39 -19.15
N VAL A 38 11.97 -6.68 -18.90
CA VAL A 38 12.38 -7.63 -19.92
C VAL A 38 11.36 -8.76 -19.98
N ARG A 39 10.84 -9.02 -21.18
CA ARG A 39 9.82 -10.04 -21.38
C ARG A 39 10.18 -10.97 -22.52
N LEU A 101 14.41 -14.66 -14.04
CA LEU A 101 13.44 -13.69 -13.54
C LEU A 101 13.71 -12.31 -14.15
N SER A 102 13.37 -12.16 -15.44
CA SER A 102 13.73 -10.96 -16.17
C SER A 102 12.96 -9.73 -15.69
N MET A 103 11.76 -9.92 -15.14
CA MET A 103 10.97 -8.78 -14.67
C MET A 103 11.35 -8.34 -13.26
N LEU A 104 12.10 -9.17 -12.53
CA LEU A 104 12.45 -8.81 -11.14
C LEU A 104 13.21 -7.49 -11.04
N PRO A 105 14.21 -7.18 -11.87
CA PRO A 105 14.88 -5.87 -11.72
C PRO A 105 13.92 -4.69 -11.85
N HIS A 106 13.04 -4.70 -12.85
CA HIS A 106 12.07 -3.63 -12.99
C HIS A 106 11.04 -3.65 -11.86
N LEU A 107 10.59 -4.85 -11.49
CA LEU A 107 9.61 -4.98 -10.42
C LEU A 107 10.16 -4.50 -9.08
N ALA A 108 11.43 -4.82 -8.80
CA ALA A 108 12.03 -4.39 -7.54
C ALA A 108 12.18 -2.88 -7.49
N ASP A 109 12.62 -2.27 -8.59
CA ASP A 109 12.70 -0.81 -8.65
C ASP A 109 11.33 -0.18 -8.50
N LEU A 110 10.30 -0.78 -9.12
CA LEU A 110 8.96 -0.26 -8.99
C LEU A 110 8.47 -0.29 -7.55
N VAL A 111 8.73 -1.39 -6.84
CA VAL A 111 8.28 -1.51 -5.46
C VAL A 111 9.09 -0.58 -4.56
N SER A 112 10.42 -0.55 -4.73
CA SER A 112 11.26 0.32 -3.94
C SER A 112 10.82 1.79 -4.08
N TYR A 113 10.49 2.20 -5.30
CA TYR A 113 9.97 3.54 -5.52
C TYR A 113 8.67 3.75 -4.75
N SER A 114 7.75 2.78 -4.84
CA SER A 114 6.45 2.90 -4.16
C SER A 114 6.60 2.94 -2.65
N ILE A 115 7.57 2.21 -2.10
CA ILE A 115 7.79 2.24 -0.66
C ILE A 115 8.15 3.65 -0.19
N GLN A 116 8.90 4.39 -1.01
CA GLN A 116 9.22 5.76 -0.66
C GLN A 116 7.98 6.64 -0.66
N LYS A 117 7.05 6.37 -1.58
CA LYS A 117 5.80 7.09 -1.61
C LYS A 117 4.97 6.79 -0.36
N VAL A 118 4.88 5.51 0.01
CA VAL A 118 4.12 5.13 1.20
C VAL A 118 4.69 5.80 2.44
N ILE A 119 6.02 5.84 2.56
CA ILE A 119 6.64 6.54 3.67
C ILE A 119 6.32 8.02 3.62
N GLY A 120 6.31 8.60 2.40
CA GLY A 120 5.92 9.99 2.26
C GLY A 120 4.45 10.21 2.57
N PHE A 121 3.59 9.27 2.17
CA PHE A 121 2.19 9.36 2.51
C PHE A 121 1.96 9.17 4.00
N ALA A 122 2.69 8.24 4.62
CA ALA A 122 2.52 7.97 6.05
C ALA A 122 2.90 9.18 6.89
N LYS A 123 4.00 9.86 6.54
CA LYS A 123 4.49 10.97 7.34
C LYS A 123 3.51 12.15 7.36
N MET A 124 2.55 12.18 6.44
CA MET A 124 1.58 13.26 6.36
C MET A 124 0.23 12.88 6.95
N ILE A 125 0.07 11.65 7.40
CA ILE A 125 -1.14 11.26 8.11
C ILE A 125 -1.14 11.90 9.50
N PRO A 126 -2.25 12.50 9.93
CA PRO A 126 -2.27 13.15 11.25
C PRO A 126 -1.98 12.16 12.37
N GLY A 127 -1.02 12.52 13.23
CA GLY A 127 -0.67 11.71 14.37
C GLY A 127 0.38 10.66 14.11
N PHE A 128 0.55 10.22 12.87
CA PHE A 128 1.58 9.22 12.57
C PHE A 128 2.97 9.75 12.88
N ARG A 129 3.22 11.01 12.52
CA ARG A 129 4.54 11.59 12.74
C ARG A 129 4.90 11.67 14.22
N ASP A 130 3.90 11.77 15.09
CA ASP A 130 4.14 11.92 16.52
C ASP A 130 4.32 10.58 17.24
N LEU A 131 4.15 9.46 16.55
CA LEU A 131 4.46 8.16 17.14
C LEU A 131 5.96 8.02 17.32
N THR A 132 6.35 7.06 18.17
CA THR A 132 7.78 6.76 18.30
C THR A 132 8.30 6.17 17.00
N ALA A 133 9.58 6.41 16.73
CA ALA A 133 10.19 5.92 15.51
C ALA A 133 10.08 4.41 15.39
N GLU A 134 10.09 3.70 16.52
CA GLU A 134 9.90 2.26 16.49
C GLU A 134 8.52 1.89 15.98
N ASP A 135 7.48 2.55 16.50
CA ASP A 135 6.13 2.29 16.02
C ASP A 135 5.99 2.60 14.54
N GLN A 136 6.61 3.70 14.09
CA GLN A 136 6.52 4.05 12.67
C GLN A 136 7.19 2.98 11.81
N ILE A 137 8.31 2.42 12.27
CA ILE A 137 8.99 1.38 11.52
C ILE A 137 8.15 0.11 11.50
N ALA A 138 7.63 -0.30 12.66
CA ALA A 138 6.85 -1.54 12.72
C ALA A 138 5.60 -1.43 11.86
N LEU A 139 4.92 -0.28 11.87
CA LEU A 139 3.75 -0.11 11.03
C LEU A 139 4.12 -0.16 9.56
N LEU A 140 5.16 0.56 9.16
CA LEU A 140 5.55 0.59 7.75
C LEU A 140 6.05 -0.78 7.30
N LYS A 141 6.80 -1.49 8.15
CA LYS A 141 7.36 -2.76 7.72
C LYS A 141 6.26 -3.79 7.43
N SER A 142 5.19 -3.79 8.21
CA SER A 142 4.13 -4.77 8.04
C SER A 142 3.01 -4.31 7.12
N SER A 143 2.83 -3.00 6.92
CA SER A 143 1.72 -2.52 6.11
C SER A 143 2.13 -1.99 4.74
N ALA A 144 3.44 -1.85 4.47
CA ALA A 144 3.85 -1.30 3.18
C ALA A 144 3.34 -2.14 2.02
N ILE A 145 3.50 -3.45 2.11
CA ILE A 145 3.06 -4.33 1.03
C ILE A 145 1.55 -4.18 0.79
N GLU A 146 0.76 -4.03 1.87
CA GLU A 146 -0.68 -3.89 1.71
C GLU A 146 -1.06 -2.54 1.12
N ILE A 147 -0.38 -1.48 1.54
CA ILE A 147 -0.64 -0.15 1.01
C ILE A 147 -0.19 -0.06 -0.46
N ILE A 148 0.87 -0.76 -0.83
CA ILE A 148 1.25 -0.83 -2.23
C ILE A 148 0.15 -1.51 -3.05
N MET A 149 -0.36 -2.65 -2.56
CA MET A 149 -1.47 -3.31 -3.23
C MET A 149 -2.69 -2.41 -3.28
N LEU A 150 -2.92 -1.64 -2.22
CA LEU A 150 -4.07 -0.74 -2.18
C LEU A 150 -3.94 0.38 -3.20
N ARG A 151 -2.76 1.01 -3.27
CA ARG A 151 -2.57 2.13 -4.17
C ARG A 151 -2.50 1.70 -5.62
N SER A 152 -2.06 0.46 -5.88
CA SER A 152 -1.97 -0.01 -7.26
C SER A 152 -3.33 -0.13 -7.92
N ASN A 153 -4.42 -0.13 -7.16
CA ASN A 153 -5.75 -0.18 -7.75
C ASN A 153 -5.99 1.04 -8.65
N GLN A 154 -5.32 2.15 -8.37
CA GLN A 154 -5.43 3.35 -9.19
C GLN A 154 -4.92 3.14 -10.61
N SER A 155 -4.01 2.19 -10.82
CA SER A 155 -3.55 1.87 -12.17
C SER A 155 -4.17 0.58 -12.72
N PHE A 156 -4.85 -0.20 -11.89
CA PHE A 156 -5.45 -1.44 -12.35
C PHE A 156 -6.63 -1.12 -13.27
N SER A 157 -6.69 -1.81 -14.40
CA SER A 157 -7.75 -1.64 -15.38
C SER A 157 -8.59 -2.91 -15.46
N LEU A 158 -9.90 -2.78 -15.30
CA LEU A 158 -10.78 -3.93 -15.45
C LEU A 158 -10.83 -4.40 -16.89
N GLU A 159 -10.64 -3.50 -17.85
CA GLU A 159 -10.65 -3.88 -19.26
C GLU A 159 -9.44 -4.73 -19.62
N ASP A 160 -8.26 -4.34 -19.15
CA ASP A 160 -7.03 -5.06 -19.45
C ASP A 160 -6.74 -6.18 -18.46
N MET A 161 -7.38 -6.18 -17.30
CA MET A 161 -7.06 -7.12 -16.22
C MET A 161 -5.58 -7.04 -15.85
N SER A 162 -5.08 -5.81 -15.75
CA SER A 162 -3.66 -5.59 -15.51
C SER A 162 -3.45 -4.19 -14.97
N TRP A 163 -2.21 -3.92 -14.55
CA TRP A 163 -1.81 -2.58 -14.13
C TRP A 163 -1.24 -1.84 -15.32
N SER A 164 -1.82 -0.70 -15.64
CA SER A 164 -1.42 0.12 -16.79
C SER A 164 -0.91 1.45 -16.27
N CYS A 165 0.38 1.68 -16.42
CA CYS A 165 0.98 2.91 -15.96
C CYS A 165 1.56 3.77 -17.06
N GLY A 166 0.74 4.63 -17.63
CA GLY A 166 1.20 5.52 -18.66
C GLY A 166 1.47 4.82 -19.97
N GLY A 167 2.72 4.46 -20.21
CA GLY A 167 3.08 3.80 -21.46
C GLY A 167 2.69 2.35 -21.61
N PRO A 168 3.06 1.77 -22.76
CA PRO A 168 2.81 0.35 -23.03
C PRO A 168 3.91 -0.56 -22.53
N ASP A 169 5.08 -0.02 -22.20
CA ASP A 169 6.14 -0.80 -21.58
C ASP A 169 5.98 -0.92 -20.07
N PHE A 170 5.15 -0.07 -19.46
CA PHE A 170 4.84 -0.14 -18.04
C PHE A 170 3.48 -0.77 -17.79
N LYS A 171 3.07 -1.71 -18.63
CA LYS A 171 1.82 -2.45 -18.50
C LYS A 171 2.16 -3.88 -18.06
N TYR A 172 1.87 -4.16 -16.80
CA TYR A 172 2.19 -5.44 -16.20
C TYR A 172 1.00 -6.35 -16.21
N CYS A 173 1.04 -7.42 -17.03
CA CYS A 173 -0.18 -8.22 -17.14
C CYS A 173 -0.32 -9.77 -17.03
N ILE A 174 0.00 -10.36 -15.88
CA ILE A 174 -0.31 -11.74 -15.69
C ILE A 174 0.63 -12.81 -16.17
N ASN A 175 0.87 -12.83 -17.46
CA ASN A 175 1.72 -13.83 -18.04
C ASN A 175 3.13 -13.69 -17.54
N ASP A 176 3.51 -12.49 -17.19
CA ASP A 176 4.87 -12.27 -16.72
C ASP A 176 4.27 -12.94 -15.48
N VAL A 177 4.85 -12.70 -14.29
CA VAL A 177 4.21 -13.18 -13.08
C VAL A 177 5.37 -14.13 -12.78
N THR A 178 5.57 -15.14 -13.62
CA THR A 178 6.66 -16.09 -13.40
C THR A 178 8.01 -15.46 -13.70
N LYS A 179 8.03 -14.37 -14.48
CA LYS A 179 9.26 -13.64 -14.73
C LYS A 179 9.55 -12.59 -13.68
N ALA A 180 8.63 -12.38 -12.72
CA ALA A 180 8.84 -11.46 -11.62
C ALA A 180 9.19 -12.17 -10.32
N GLY A 181 9.14 -13.50 -10.30
CA GLY A 181 9.49 -14.26 -9.12
C GLY A 181 8.35 -14.63 -8.20
N HIS A 182 7.10 -14.55 -8.68
CA HIS A 182 5.94 -14.89 -7.88
C HIS A 182 5.08 -15.92 -8.59
N THR A 183 4.21 -16.56 -7.83
CA THR A 183 3.35 -17.63 -8.33
C THR A 183 1.89 -17.18 -8.27
N LEU A 184 1.03 -17.94 -8.96
CA LEU A 184 -0.37 -17.57 -9.01
C LEU A 184 -1.09 -17.72 -7.68
N GLU A 185 -0.47 -18.37 -6.69
CA GLU A 185 -1.07 -18.39 -5.36
C GLU A 185 -1.14 -17.00 -4.75
N LEU A 186 -0.34 -16.05 -5.25
CA LEU A 186 -0.47 -14.64 -4.88
C LEU A 186 -1.19 -13.83 -5.94
N LEU A 187 -0.92 -14.09 -7.21
CA LEU A 187 -1.52 -13.30 -8.28
C LEU A 187 -3.02 -13.54 -8.39
N GLU A 188 -3.45 -14.79 -8.35
CA GLU A 188 -4.87 -15.10 -8.48
C GLU A 188 -5.71 -14.44 -7.39
N PRO A 189 -5.36 -14.50 -6.10
CA PRO A 189 -6.14 -13.74 -5.11
C PRO A 189 -5.96 -12.24 -5.25
N LEU A 190 -4.79 -11.77 -5.67
CA LEU A 190 -4.57 -10.34 -5.81
C LEU A 190 -5.44 -9.75 -6.92
N VAL A 191 -5.47 -10.40 -8.09
CA VAL A 191 -6.31 -9.89 -9.18
C VAL A 191 -7.77 -9.90 -8.77
N LYS A 192 -8.21 -10.95 -8.08
CA LYS A 192 -9.57 -10.98 -7.55
C LYS A 192 -9.78 -9.84 -6.54
N PHE A 193 -8.78 -9.58 -5.70
CA PHE A 193 -8.86 -8.44 -4.79
C PHE A 193 -8.96 -7.13 -5.56
N GLN A 194 -8.14 -6.98 -6.61
CA GLN A 194 -8.12 -5.72 -7.35
C GLN A 194 -9.43 -5.46 -8.09
N VAL A 195 -10.10 -6.51 -8.57
CA VAL A 195 -11.34 -6.28 -9.31
C VAL A 195 -12.50 -5.98 -8.34
N GLY A 196 -12.50 -6.60 -7.16
CA GLY A 196 -13.52 -6.28 -6.18
C GLY A 196 -13.38 -4.87 -5.63
N LEU A 197 -12.14 -4.44 -5.41
CA LEU A 197 -11.90 -3.06 -4.98
C LEU A 197 -12.24 -2.08 -6.09
N LYS A 198 -12.00 -2.46 -7.34
CA LYS A 198 -12.35 -1.60 -8.47
C LYS A 198 -13.85 -1.49 -8.65
N LYS A 199 -14.59 -2.57 -8.36
CA LYS A 199 -16.05 -2.52 -8.45
C LYS A 199 -16.68 -1.66 -7.36
N LEU A 200 -15.96 -1.44 -6.25
CA LEU A 200 -16.49 -0.60 -5.18
C LEU A 200 -16.61 0.86 -5.59
N LYS A 201 -15.93 1.27 -6.66
CA LYS A 201 -15.99 2.65 -7.16
C LYS A 201 -15.74 3.65 -6.04
N LEU A 202 -14.64 3.46 -5.32
CA LEU A 202 -14.38 4.29 -4.15
C LEU A 202 -14.13 5.72 -4.56
N HIS A 203 -14.65 6.66 -3.76
CA HIS A 203 -14.30 8.05 -3.95
C HIS A 203 -12.83 8.25 -3.59
N GLU A 204 -12.27 9.35 -4.08
CA GLU A 204 -10.88 9.67 -3.75
C GLU A 204 -10.69 9.77 -2.25
N GLU A 205 -11.67 10.33 -1.54
CA GLU A 205 -11.63 10.40 -0.08
C GLU A 205 -11.65 9.00 0.55
N GLU A 206 -12.46 8.10 0.00
CA GLU A 206 -12.60 6.77 0.60
C GLU A 206 -11.35 5.92 0.35
N HIS A 207 -10.81 5.97 -0.86
CA HIS A 207 -9.59 5.24 -1.17
C HIS A 207 -8.45 5.69 -0.26
N VAL A 208 -8.39 6.98 0.05
CA VAL A 208 -7.30 7.50 0.87
C VAL A 208 -7.48 7.09 2.32
N LEU A 209 -8.70 7.20 2.86
CA LEU A 209 -8.96 6.77 4.23
C LEU A 209 -8.63 5.31 4.43
N LEU A 210 -8.94 4.47 3.43
CA LEU A 210 -8.66 3.04 3.57
C LEU A 210 -7.16 2.77 3.67
N MET A 211 -6.34 3.53 2.93
CA MET A 211 -4.89 3.40 3.06
C MET A 211 -4.42 3.84 4.44
N ALA A 212 -4.98 4.93 4.96
CA ALA A 212 -4.57 5.41 6.28
C ALA A 212 -5.06 4.47 7.39
N ILE A 213 -6.28 3.94 7.25
CA ILE A 213 -6.77 2.97 8.23
C ILE A 213 -5.93 1.70 8.18
N CYS A 214 -5.51 1.30 6.98
CA CYS A 214 -4.68 0.10 6.84
C CYS A 214 -3.32 0.29 7.50
N LEU A 215 -2.70 1.46 7.33
CA LEU A 215 -1.40 1.73 7.93
C LEU A 215 -1.48 1.79 9.45
N LEU A 216 -2.53 2.43 9.98
CA LEU A 216 -2.63 2.63 11.42
C LEU A 216 -3.26 1.43 12.12
N SER A 217 -3.03 0.24 11.60
CA SER A 217 -3.53 -0.97 12.24
C SER A 217 -2.66 -1.30 13.45
N PRO A 218 -3.23 -1.39 14.65
CA PRO A 218 -2.41 -1.73 15.82
C PRO A 218 -2.03 -3.20 15.86
N ASP A 219 -2.83 -4.08 15.27
CA ASP A 219 -2.57 -5.52 15.33
C ASP A 219 -1.51 -5.94 14.32
N ARG A 220 -0.37 -5.25 14.34
CA ARG A 220 0.75 -5.62 13.50
C ARG A 220 1.95 -5.97 14.37
N PRO A 221 2.72 -6.99 13.99
CA PRO A 221 3.87 -7.39 14.81
C PRO A 221 4.90 -6.27 14.91
N GLY A 222 5.19 -5.85 16.13
CA GLY A 222 6.22 -4.84 16.35
C GLY A 222 5.77 -3.59 17.07
N VAL A 223 4.49 -3.21 16.92
CA VAL A 223 4.03 -1.96 17.51
C VAL A 223 4.01 -2.10 19.03
N GLN A 224 4.33 -1.00 19.71
CA GLN A 224 4.38 -0.97 21.17
C GLN A 224 3.22 -0.16 21.75
N ASP A 225 3.13 1.12 21.41
CA ASP A 225 2.07 1.99 21.90
C ASP A 225 0.78 1.62 21.18
N HIS A 226 0.21 0.48 21.58
CA HIS A 226 -0.97 -0.05 20.92
C HIS A 226 -2.18 0.87 21.09
N VAL A 227 -2.34 1.45 22.28
CA VAL A 227 -3.53 2.26 22.57
C VAL A 227 -3.54 3.51 21.69
N ARG A 228 -2.40 4.19 21.59
CA ARG A 228 -2.35 5.44 20.84
C ARG A 228 -2.62 5.23 19.36
N ILE A 229 -2.06 4.16 18.79
CA ILE A 229 -2.28 3.86 17.37
C ILE A 229 -3.73 3.47 17.12
N GLU A 230 -4.34 2.75 18.06
CA GLU A 230 -5.73 2.34 17.89
C GLU A 230 -6.67 3.55 17.92
N ALA A 231 -6.39 4.52 18.78
CA ALA A 231 -7.22 5.72 18.84
C ALA A 231 -7.18 6.48 17.53
N LEU A 232 -6.00 6.57 16.90
CA LEU A 232 -5.91 7.21 15.60
C LEU A 232 -6.73 6.46 14.56
N GLN A 233 -6.64 5.12 14.56
CA GLN A 233 -7.34 4.34 13.56
C GLN A 233 -8.86 4.47 13.69
N ASP A 234 -9.36 4.47 14.93
CA ASP A 234 -10.79 4.59 15.14
C ASP A 234 -11.30 5.95 14.69
N ARG A 235 -10.54 7.01 14.96
CA ARG A 235 -10.91 8.33 14.44
C ARG A 235 -11.01 8.32 12.93
N LEU A 236 -10.07 7.65 12.24
CA LEU A 236 -10.15 7.54 10.79
C LEU A 236 -11.34 6.68 10.36
N CYS A 237 -11.69 5.66 11.15
CA CYS A 237 -12.81 4.82 10.79
C CYS A 237 -14.14 5.56 10.95
N ASP A 238 -14.27 6.38 12.00
CA ASP A 238 -15.47 7.18 12.15
C ASP A 238 -15.62 8.18 11.00
N VAL A 239 -14.50 8.75 10.56
CA VAL A 239 -14.53 9.65 9.41
C VAL A 239 -15.03 8.89 8.18
N LEU A 240 -14.48 7.70 7.94
CA LEU A 240 -14.89 6.91 6.79
C LEU A 240 -16.37 6.52 6.87
N GLN A 241 -16.84 6.17 8.08
CA GLN A 241 -18.26 5.85 8.25
C GLN A 241 -19.13 7.08 8.01
N ALA A 242 -18.73 8.22 8.59
CA ALA A 242 -19.49 9.44 8.42
C ALA A 242 -19.43 9.96 7.00
N TYR A 243 -18.30 9.78 6.31
CA TYR A 243 -18.21 10.23 4.93
C TYR A 243 -19.15 9.46 4.02
N ILE A 244 -19.20 8.13 4.18
CA ILE A 244 -20.02 7.32 3.29
C ILE A 244 -21.50 7.63 3.50
N ARG A 245 -21.94 7.72 4.76
CA ARG A 245 -23.34 7.99 5.05
C ARG A 245 -23.77 9.33 4.48
N ILE A 246 -22.93 10.35 4.60
CA ILE A 246 -23.34 11.71 4.24
C ILE A 246 -23.03 12.01 2.78
N GLN A 247 -21.90 11.53 2.26
CA GLN A 247 -21.41 11.93 0.95
C GLN A 247 -21.50 10.84 -0.11
N HIS A 248 -21.75 9.59 0.26
CA HIS A 248 -21.82 8.53 -0.74
C HIS A 248 -23.25 8.05 -0.90
N PRO A 249 -23.87 8.25 -2.07
CA PRO A 249 -25.23 7.74 -2.28
C PRO A 249 -25.19 6.25 -2.58
N GLY A 250 -26.05 5.49 -1.89
CA GLY A 250 -26.00 4.05 -2.00
C GLY A 250 -24.92 3.40 -1.18
N GLY A 251 -24.19 4.16 -0.37
CA GLY A 251 -23.20 3.59 0.52
C GLY A 251 -23.83 3.15 1.83
N ARG A 252 -24.77 2.21 1.74
CA ARG A 252 -25.40 1.69 2.94
C ARG A 252 -24.56 0.60 3.58
N LEU A 253 -23.83 -0.18 2.78
CA LEU A 253 -23.02 -1.29 3.25
C LEU A 253 -21.58 -1.19 2.73
N LEU A 254 -21.16 -0.01 2.28
CA LEU A 254 -19.83 0.14 1.72
C LEU A 254 -18.75 0.01 2.79
N TYR A 255 -18.99 0.61 3.96
CA TYR A 255 -18.01 0.53 5.04
C TYR A 255 -17.71 -0.91 5.43
N ALA A 256 -18.72 -1.79 5.39
CA ALA A 256 -18.47 -3.19 5.68
C ALA A 256 -17.63 -3.85 4.59
N LYS A 257 -17.94 -3.58 3.33
CA LYS A 257 -17.16 -4.14 2.23
C LYS A 257 -15.74 -3.61 2.23
N MET A 258 -15.54 -2.35 2.63
CA MET A 258 -14.18 -1.80 2.67
C MET A 258 -13.37 -2.44 3.78
N ILE A 259 -13.99 -2.72 4.92
CA ILE A 259 -13.26 -3.36 6.01
C ILE A 259 -12.93 -4.81 5.67
N GLN A 260 -13.76 -5.47 4.88
CA GLN A 260 -13.44 -6.81 4.42
C GLN A 260 -12.23 -6.80 3.50
N LYS A 261 -11.98 -5.70 2.79
CA LYS A 261 -10.78 -5.59 1.98
C LYS A 261 -9.53 -5.61 2.84
N LEU A 262 -9.61 -4.99 4.02
CA LEU A 262 -8.47 -5.04 4.94
C LEU A 262 -8.18 -6.48 5.36
N ALA A 263 -9.22 -7.27 5.62
CA ALA A 263 -9.03 -8.68 5.93
C ALA A 263 -8.45 -9.44 4.74
N ASP A 264 -8.82 -9.05 3.52
CA ASP A 264 -8.19 -9.66 2.35
C ASP A 264 -6.72 -9.29 2.25
N LEU A 265 -6.37 -8.06 2.66
CA LEU A 265 -4.98 -7.62 2.59
C LEU A 265 -4.07 -8.45 3.49
N ARG A 266 -4.54 -8.77 4.69
CA ARG A 266 -3.75 -9.61 5.59
C ARG A 266 -3.46 -10.96 4.97
N SER A 267 -4.42 -11.52 4.23
CA SER A 267 -4.19 -12.78 3.54
C SER A 267 -3.21 -12.60 2.38
N LEU A 268 -3.32 -11.48 1.65
CA LEU A 268 -2.38 -11.21 0.57
C LEU A 268 -1.00 -10.87 1.11
N ASN A 269 -0.96 -10.13 2.23
CA ASN A 269 0.31 -9.88 2.92
C ASN A 269 1.01 -11.18 3.27
N GLU A 270 0.28 -12.13 3.84
CA GLU A 270 0.89 -13.39 4.26
C GLU A 270 1.43 -14.17 3.08
N GLU A 271 0.68 -14.22 1.97
CA GLU A 271 1.11 -15.00 0.82
C GLU A 271 2.35 -14.40 0.18
N HIS A 272 2.37 -13.08 -0.02
CA HIS A 272 3.54 -12.44 -0.62
C HIS A 272 4.77 -12.63 0.25
N SER A 273 4.62 -12.46 1.56
CA SER A 273 5.76 -12.62 2.45
C SER A 273 6.33 -14.03 2.39
N LYS A 274 5.47 -15.04 2.22
CA LYS A 274 5.95 -16.39 2.02
C LYS A 274 6.79 -16.49 0.74
N GLN A 275 6.32 -15.88 -0.34
CA GLN A 275 7.02 -15.96 -1.61
C GLN A 275 8.24 -15.05 -1.66
N TYR A 276 8.19 -13.93 -0.93
CA TYR A 276 9.39 -13.08 -0.83
C TYR A 276 10.51 -13.80 -0.11
N ARG A 277 10.19 -14.65 0.87
CA ARG A 277 11.23 -15.39 1.57
C ARG A 277 12.02 -16.28 0.62
N SER A 278 11.33 -16.87 -0.37
CA SER A 278 12.03 -17.72 -1.34
C SER A 278 12.97 -16.91 -2.21
N LEU A 279 12.61 -15.67 -2.52
CA LEU A 279 13.50 -14.80 -3.29
C LEU A 279 14.73 -14.42 -2.48
N SER A 280 14.52 -13.84 -1.29
CA SER A 280 15.61 -13.35 -0.48
C SER A 280 16.49 -14.48 0.08
N PHE A 281 16.07 -15.74 -0.02
CA PHE A 281 16.94 -16.83 0.41
C PHE A 281 17.82 -17.34 -0.72
N GLN A 282 17.60 -16.90 -1.95
CA GLN A 282 18.50 -17.20 -3.05
C GLN A 282 19.26 -15.93 -3.40
N PRO A 283 20.57 -15.87 -3.15
CA PRO A 283 21.31 -14.62 -3.38
C PRO A 283 21.29 -14.18 -4.83
N GLU A 284 21.19 -15.10 -5.78
CA GLU A 284 21.15 -14.72 -7.19
C GLU A 284 19.91 -13.88 -7.51
N HIS A 285 18.84 -14.04 -6.73
CA HIS A 285 17.65 -13.24 -6.89
C HIS A 285 17.61 -12.03 -5.96
N SER A 286 17.99 -12.20 -4.70
CA SER A 286 17.96 -11.09 -3.77
C SER A 286 18.94 -9.99 -4.13
N MET A 287 19.98 -10.29 -4.92
CA MET A 287 20.88 -9.22 -5.36
C MET A 287 20.22 -8.31 -6.37
N GLN A 288 19.14 -8.75 -7.02
CA GLN A 288 18.35 -7.89 -7.89
C GLN A 288 17.43 -6.94 -7.12
N LEU A 289 17.25 -7.16 -5.82
CA LEU A 289 16.41 -6.28 -5.03
C LEU A 289 17.17 -5.00 -4.68
N THR A 290 16.46 -4.06 -4.07
CA THR A 290 17.09 -2.83 -3.66
C THR A 290 17.35 -2.83 -2.16
N PRO A 291 18.31 -2.04 -1.69
CA PRO A 291 18.54 -1.94 -0.23
C PRO A 291 17.28 -1.57 0.56
N LEU A 292 16.43 -0.72 0.00
CA LEU A 292 15.22 -0.32 0.71
C LEU A 292 14.23 -1.47 0.80
N VAL A 293 14.04 -2.19 -0.30
CA VAL A 293 13.18 -3.38 -0.29
C VAL A 293 13.67 -4.39 0.74
N LEU A 294 14.99 -4.63 0.76
CA LEU A 294 15.55 -5.57 1.72
C LEU A 294 15.37 -5.08 3.14
N GLU A 295 15.33 -3.76 3.35
CA GLU A 295 15.13 -3.21 4.68
C GLU A 295 13.68 -3.30 5.13
N VAL A 296 12.74 -2.98 4.23
CA VAL A 296 11.33 -2.92 4.61
C VAL A 296 10.71 -4.32 4.63
N PHE A 297 10.92 -5.10 3.57
CA PHE A 297 10.40 -6.46 3.51
C PHE A 297 11.27 -7.45 4.28
N GLY A 298 12.29 -6.98 4.99
CA GLY A 298 13.14 -7.86 5.76
C GLY A 298 12.49 -8.30 7.05
N SER A 299 13.25 -9.10 7.81
CA SER A 299 12.79 -9.62 9.09
C SER A 299 13.48 -8.98 10.27
N GLU A 300 14.47 -8.13 10.02
CA GLU A 300 15.21 -7.49 11.08
C GLU A 300 14.23 -6.83 12.02
N VAL A 301 14.51 -6.87 13.31
CA VAL A 301 13.63 -6.32 14.33
C VAL A 301 14.24 -5.17 15.12
N SER A 302 13.47 -4.13 15.34
CA SER A 302 13.91 -2.98 16.11
C SER A 302 13.69 -3.22 17.60
N ARG B 1 20.89 -0.03 11.68
CA ARG B 1 19.69 -0.75 12.11
C ARG B 1 18.66 -0.79 10.98
N HIS B 2 17.73 0.15 11.00
CA HIS B 2 16.85 0.43 9.86
C HIS B 2 17.32 1.72 9.21
N LYS B 3 18.52 1.64 8.62
CA LYS B 3 19.26 2.85 8.25
C LYS B 3 18.48 3.72 7.29
N ILE B 4 17.94 3.13 6.23
CA ILE B 4 17.24 3.92 5.24
C ILE B 4 15.88 4.37 5.76
N LEU B 5 15.21 3.52 6.54
CA LEU B 5 13.89 3.90 7.07
C LEU B 5 13.99 5.08 8.02
N HIS B 6 14.99 5.07 8.90
CA HIS B 6 15.19 6.20 9.80
C HIS B 6 15.47 7.48 9.03
N ARG B 7 16.29 7.39 7.98
CA ARG B 7 16.59 8.58 7.19
C ARG B 7 15.36 9.09 6.45
N LEU B 8 14.62 8.17 5.84
CA LEU B 8 13.44 8.56 5.07
C LEU B 8 12.36 9.18 5.96
N LEU B 9 12.30 8.81 7.23
CA LEU B 9 11.37 9.43 8.17
C LEU B 9 11.91 10.71 8.78
N GLN B 10 12.92 11.32 8.15
CA GLN B 10 13.63 12.47 8.72
C GLN B 10 14.15 12.16 10.11
C ACT C . 3.41 7.09 -7.82
O ACT C . 3.89 8.23 -8.03
OXT ACT C . 3.21 6.50 -6.72
CH3 ACT C . 2.98 6.27 -9.08
C7 IV1 D . 2.82 -6.16 -4.74
C8 IV1 D . 2.37 -6.28 -6.18
C9 IV1 D . 2.16 -5.15 -6.95
O1 IV1 D . 1.90 -9.95 -13.49
C1 IV1 D . 8.85 -8.36 -4.73
C5 IV1 D . 5.22 -6.96 -5.20
C6 IV1 D . 4.32 -5.91 -4.56
C4 IV1 D . 6.61 -7.07 -4.57
C3 IV1 D . 7.61 -7.81 -5.44
O3 IV1 D . 2.50 1.81 -6.20
C2 IV1 D . 9.51 -7.30 -3.87
C IV1 D . 9.84 -8.93 -5.73
O IV1 D . 8.43 -9.43 -3.87
C10 IV1 D . 1.80 -5.24 -8.29
C11 IV1 D . 1.64 -6.51 -8.85
C12 IV1 D . 1.83 -7.66 -8.09
C13 IV1 D . 2.20 -7.53 -6.76
C14 IV1 D . 1.65 -9.03 -8.71
C15 IV1 D . 2.88 -9.93 -8.67
C16 IV1 D . 4.12 -9.31 -9.28
C17 IV1 D . 3.92 -8.76 -10.69
C18 IV1 D . 3.49 -9.81 -11.70
C19 IV1 D . 3.12 -9.31 -13.09
C20 IV1 D . 2.85 -7.80 -13.06
C21 IV1 D . 4.19 -9.65 -14.12
C22 IV1 D . 1.59 -4.03 -9.09
C23 IV1 D . 1.55 -2.77 -8.65
C24 IV1 D . 1.64 -1.64 -9.52
C25 IV1 D . 2.02 -0.38 -9.19
C26 IV1 D . 2.04 0.72 -10.23
C27 IV1 D . 1.31 1.96 -9.75
C28 IV1 D . 1.92 2.45 -8.45
C29 IV1 D . 1.83 1.38 -7.37
C30 IV1 D . 2.43 0.08 -7.85
C31 IV1 D . 3.29 -0.58 -7.10
O2 IV1 D . -0.07 1.66 -9.54
#